data_5QB9
#
_entry.id   5QB9
#
_cell.length_a   45.256
_cell.length_b   72.895
_cell.length_c   52.649
_cell.angle_alpha   90.000
_cell.angle_beta   109.110
_cell.angle_gamma   90.000
#
_symmetry.space_group_name_H-M   'P 1 21 1'
#
loop_
_entity.id
_entity.type
_entity.pdbx_description
1 polymer Endothiapepsin
2 non-polymer GLYCEROL
3 non-polymer 'ACETATE ION'
4 non-polymer (1S,2S,3S,4R,5R)-2-amino-4-[benzyl(methyl)amino]-6,8-dioxabicyclo[3.2.1]octan-3-ol
5 water water
#
_entity_poly.entity_id   1
_entity_poly.type   'polypeptide(L)'
_entity_poly.pdbx_seq_one_letter_code
;STGSATTTPIDSLDDAYITPVQIGTPAQTLNLDFDTGSSDLWVFSSETTASEVDGQTIYTPSKSTTAKLLSGATWSISYG
DGSSSSGDVYTDTVSVGGLTVTGQAVESAKKVSSSFTEDSTIDGLLGLAFSTLNTVSPTQQKTFFDNAKASLDSPVFTAD
LGYHAPGTYNFGFIDTTAYTGSITYTAVSTKQGFWEWTSTGYAVGSGTFKSTSIDGIADTGTTLLYLPATVVSAYWAQVS
GAKSSSSVGGYVFPCSATLPSFTFGVGSARIVIPGDYIDFGPISTGSSSCFGGIQSSAGIGINIFGDVALKAAFVVFNGA
TTPTLGFASK
;
_entity_poly.pdbx_strand_id   A
#
loop_
_chem_comp.id
_chem_comp.type
_chem_comp.name
_chem_comp.formula
ACT non-polymer 'ACETATE ION' 'C2 H3 O2 -1'
D6S non-polymer (1S,2S,3S,4R,5R)-2-amino-4-[benzyl(methyl)amino]-6,8-dioxabicyclo[3.2.1]octan-3-ol 'C14 H20 N2 O3'
GOL non-polymer GLYCEROL 'C3 H8 O3'
#
# COMPACT_ATOMS: atom_id res chain seq x y z
N SER A 1 19.11 2.16 14.87
CA SER A 1 17.87 1.54 15.32
C SER A 1 17.20 0.72 14.23
N THR A 2 16.28 -0.13 14.65
CA THR A 2 15.43 -0.87 13.73
C THR A 2 14.02 -0.98 14.31
N GLY A 3 13.08 -1.38 13.46
CA GLY A 3 11.73 -1.69 13.90
C GLY A 3 11.21 -2.86 13.09
N SER A 4 10.28 -3.61 13.67
CA SER A 4 9.70 -4.77 13.00
C SER A 4 8.29 -4.94 13.52
N ALA A 5 7.31 -4.90 12.62
CA ALA A 5 5.90 -5.04 13.02
C ALA A 5 5.18 -6.00 12.09
N THR A 6 4.25 -6.75 12.66
CA THR A 6 3.42 -7.65 11.87
C THR A 6 2.26 -6.87 11.26
N THR A 7 1.97 -7.15 10.00
CA THR A 7 0.85 -6.55 9.31
C THR A 7 -0.15 -7.66 8.96
N THR A 8 -1.45 -7.36 9.10
CA THR A 8 -2.49 -8.39 9.09
C THR A 8 -3.62 -8.00 8.12
N PRO A 9 -4.03 -8.93 7.23
CA PRO A 9 -5.16 -8.62 6.33
CA PRO A 9 -5.16 -8.60 6.33
C PRO A 9 -6.41 -8.24 7.12
N ILE A 10 -7.18 -7.27 6.63
CA ILE A 10 -8.38 -6.86 7.35
C ILE A 10 -9.56 -7.80 7.14
N ASP A 11 -9.48 -8.63 6.11
CA ASP A 11 -10.55 -9.57 5.79
C ASP A 11 -10.02 -10.73 4.99
N SER A 12 -10.91 -11.63 4.59
CA SER A 12 -10.53 -12.88 3.95
C SER A 12 -10.05 -12.71 2.51
N LEU A 13 -10.17 -11.49 1.98
CA LEU A 13 -9.76 -11.22 0.60
C LEU A 13 -8.44 -10.46 0.49
N ASP A 14 -7.81 -10.15 1.63
CA ASP A 14 -6.65 -9.25 1.66
C ASP A 14 -6.97 -7.89 1.04
N ASP A 15 -8.13 -7.31 1.36
CA ASP A 15 -8.48 -6.02 0.77
C ASP A 15 -7.53 -4.91 1.21
N ALA A 16 -7.01 -5.05 2.42
CA ALA A 16 -5.99 -4.15 2.93
C ALA A 16 -5.30 -4.81 4.11
N TYR A 17 -4.23 -4.19 4.58
CA TYR A 17 -3.48 -4.73 5.71
C TYR A 17 -3.36 -3.68 6.80
N ILE A 18 -3.50 -4.08 8.05
CA ILE A 18 -3.34 -3.16 9.16
C ILE A 18 -2.16 -3.54 10.05
N THR A 19 -1.49 -2.50 10.56
CA THR A 19 -0.28 -2.66 11.35
C THR A 19 -0.45 -1.84 12.62
N PRO A 20 -0.19 -2.44 13.79
CA PRO A 20 -0.37 -1.68 15.04
C PRO A 20 0.69 -0.60 15.19
N VAL A 21 0.27 0.60 15.59
CA VAL A 21 1.15 1.74 15.75
C VAL A 21 0.89 2.38 17.11
N GLN A 22 1.94 2.61 17.87
CA GLN A 22 1.81 3.27 19.18
C GLN A 22 1.95 4.78 19.04
N ILE A 23 0.93 5.51 19.49
CA ILE A 23 0.93 6.97 19.42
C ILE A 23 0.73 7.58 20.79
N GLY A 24 1.61 8.51 21.16
CA GLY A 24 1.44 9.26 22.40
C GLY A 24 1.97 8.62 23.67
N THR A 25 1.76 9.31 24.79
CA THR A 25 2.23 8.90 26.10
C THR A 25 1.13 9.10 27.14
N PRO A 26 0.63 8.02 27.77
CA PRO A 26 0.92 6.60 27.51
C PRO A 26 0.48 6.19 26.12
N ALA A 27 1.01 5.08 25.61
CA ALA A 27 0.74 4.69 24.24
C ALA A 27 -0.74 4.50 23.98
N GLN A 28 -1.19 5.01 22.84
CA GLN A 28 -2.50 4.68 22.29
C GLN A 28 -2.21 3.88 21.03
N THR A 29 -2.67 2.63 20.98
CA THR A 29 -2.36 1.77 19.86
C THR A 29 -3.50 1.81 18.86
N LEU A 30 -3.17 2.23 17.64
CA LEU A 30 -4.12 2.28 16.54
C LEU A 30 -3.63 1.37 15.42
N ASN A 31 -4.57 0.78 14.69
CA ASN A 31 -4.21 -0.10 13.59
C ASN A 31 -4.28 0.68 12.29
N LEU A 32 -3.12 0.92 11.70
CA LEU A 32 -3.05 1.82 10.54
C LEU A 32 -2.74 1.05 9.26
N ASP A 33 -3.20 1.62 8.16
CA ASP A 33 -2.97 1.09 6.82
C ASP A 33 -1.68 1.73 6.29
N PHE A 34 -0.59 0.96 6.29
CA PHE A 34 0.69 1.46 5.77
C PHE A 34 0.61 1.60 4.25
N ASP A 35 0.84 2.81 3.77
CA ASP A 35 0.52 3.15 2.39
C ASP A 35 1.72 3.77 1.68
N THR A 36 2.42 2.99 0.85
CA THR A 36 3.57 3.52 0.13
C THR A 36 3.17 4.41 -1.05
N GLY A 37 1.87 4.64 -1.20
CA GLY A 37 1.34 5.50 -2.25
C GLY A 37 0.87 6.87 -1.77
N SER A 38 1.06 7.15 -0.48
CA SER A 38 0.74 8.49 0.03
C SER A 38 1.72 8.84 1.16
N SER A 39 1.62 10.06 1.67
CA SER A 39 2.66 10.57 2.56
C SER A 39 2.10 11.30 3.77
N ASP A 40 0.86 10.99 4.15
CA ASP A 40 0.27 11.55 5.36
C ASP A 40 0.05 10.45 6.38
N LEU A 41 0.39 10.73 7.63
CA LEU A 41 0.01 9.86 8.75
C LEU A 41 -1.21 10.53 9.38
N TRP A 42 -2.39 9.96 9.15
CA TRP A 42 -3.59 10.52 9.75
C TRP A 42 -4.40 9.46 10.47
N VAL A 43 -5.12 9.89 11.50
CA VAL A 43 -5.87 8.99 12.37
C VAL A 43 -7.28 9.48 12.67
N PHE A 44 -8.19 8.52 12.84
CA PHE A 44 -9.45 8.76 13.52
C PHE A 44 -9.09 9.30 14.90
N SER A 45 -9.87 10.25 15.39
CA SER A 45 -9.50 10.89 16.64
C SER A 45 -10.73 11.36 17.41
N SER A 46 -10.46 11.91 18.60
CA SER A 46 -11.52 12.51 19.41
C SER A 46 -12.12 13.73 18.72
N GLU A 47 -11.44 14.21 17.67
CA GLU A 47 -11.89 15.38 16.92
C GLU A 47 -12.75 15.02 15.71
N THR A 48 -12.79 13.74 15.35
CA THR A 48 -13.55 13.31 14.18
C THR A 48 -15.05 13.45 14.41
N THR A 49 -15.75 14.06 13.45
CA THR A 49 -17.21 14.15 13.46
C THR A 49 -17.82 12.84 13.92
N ALA A 50 -18.64 12.90 14.98
CA ALA A 50 -19.12 11.70 15.66
C ALA A 50 -19.85 10.73 14.75
N SER A 51 -20.67 11.29 13.84
CA SER A 51 -21.45 10.48 12.91
C SER A 51 -20.59 9.76 11.87
N GLU A 52 -19.31 10.12 11.80
CA GLU A 52 -18.42 9.55 10.80
C GLU A 52 -17.46 8.53 11.40
N VAL A 53 -17.65 8.25 12.69
CA VAL A 53 -16.89 7.21 13.37
C VAL A 53 -17.80 6.01 13.65
N ASP A 54 -17.39 4.82 13.22
CA ASP A 54 -18.19 3.60 13.37
C ASP A 54 -17.31 2.38 13.69
N GLY A 55 -16.82 2.33 14.93
CA GLY A 55 -16.08 1.16 15.38
C GLY A 55 -14.57 1.35 15.43
N GLN A 56 -14.06 2.42 14.83
CA GLN A 56 -12.63 2.65 14.81
C GLN A 56 -12.13 3.02 16.21
N THR A 57 -10.87 2.69 16.46
CA THR A 57 -10.17 3.17 17.65
C THR A 57 -9.68 4.58 17.37
N ILE A 58 -9.91 5.49 18.31
CA ILE A 58 -9.55 6.88 18.08
C ILE A 58 -8.34 7.30 18.91
N TYR A 59 -7.57 8.23 18.35
CA TYR A 59 -6.49 8.91 19.04
C TYR A 59 -7.05 10.11 19.78
N THR A 60 -6.75 10.21 21.08
CA THR A 60 -7.20 11.34 21.87
C THR A 60 -5.98 12.14 22.33
N PRO A 61 -5.65 13.22 21.62
CA PRO A 61 -4.40 13.93 21.94
C PRO A 61 -4.41 14.51 23.37
N SER A 62 -5.58 14.86 23.88
CA SER A 62 -5.67 15.43 25.23
C SER A 62 -5.23 14.45 26.31
N LYS A 63 -5.17 13.16 25.97
CA LYS A 63 -4.78 12.13 26.93
C LYS A 63 -3.30 11.78 26.80
N SER A 64 -2.63 12.42 25.84
CA SER A 64 -1.20 12.17 25.61
C SER A 64 -0.36 13.32 26.15
N THR A 65 0.54 13.03 27.08
CA THR A 65 1.34 14.07 27.71
C THR A 65 2.40 14.64 26.76
N THR A 66 2.65 13.94 25.66
CA THR A 66 3.66 14.36 24.70
C THR A 66 3.05 14.99 23.43
N ALA A 67 1.71 15.02 23.37
CA ALA A 67 1.03 15.65 22.23
C ALA A 67 1.12 17.16 22.31
N LYS A 68 1.39 17.79 21.18
CA LYS A 68 1.36 19.24 21.09
C LYS A 68 0.70 19.67 19.79
N LEU A 69 -0.24 20.58 19.88
CA LEU A 69 -0.89 21.11 18.68
C LEU A 69 0.14 21.78 17.79
N LEU A 70 0.13 21.43 16.51
CA LEU A 70 0.97 22.11 15.55
C LEU A 70 0.18 23.31 15.07
N SER A 71 0.41 24.45 15.70
CA SER A 71 -0.49 25.60 15.57
C SER A 71 -0.64 26.07 14.13
N GLY A 72 -1.89 26.16 13.68
CA GLY A 72 -2.19 26.67 12.36
C GLY A 72 -2.14 25.67 11.23
N ALA A 73 -1.65 24.48 11.52
CA ALA A 73 -1.50 23.46 10.48
C ALA A 73 -2.80 22.72 10.21
N THR A 74 -3.13 22.57 8.94
CA THR A 74 -4.29 21.79 8.52
C THR A 74 -3.85 20.83 7.41
N TRP A 75 -4.70 19.84 7.14
CA TRP A 75 -4.40 18.89 6.09
C TRP A 75 -5.69 18.48 5.42
N SER A 76 -5.57 18.06 4.17
CA SER A 76 -6.73 17.64 3.41
C SER A 76 -6.21 16.77 2.28
N ILE A 77 -6.74 15.57 2.19
CA ILE A 77 -6.24 14.64 1.21
C ILE A 77 -7.38 13.96 0.47
N SER A 78 -7.21 13.78 -0.83
CA SER A 78 -8.15 13.00 -1.61
C SER A 78 -7.38 11.93 -2.36
N TYR A 79 -7.83 10.68 -2.21
CA TYR A 79 -7.13 9.55 -2.79
C TYR A 79 -7.71 9.13 -4.14
N GLY A 80 -6.96 8.29 -4.85
CA GLY A 80 -7.32 7.88 -6.20
C GLY A 80 -8.60 7.09 -6.32
N ASP A 81 -9.10 6.55 -5.21
CA ASP A 81 -10.33 5.77 -5.21
C ASP A 81 -11.54 6.63 -4.91
N GLY A 82 -11.31 7.92 -4.70
CA GLY A 82 -12.38 8.85 -4.42
C GLY A 82 -12.61 9.12 -2.95
N SER A 83 -11.82 8.47 -2.09
CA SER A 83 -11.95 8.70 -0.65
C SER A 83 -11.20 9.96 -0.25
N SER A 84 -11.52 10.48 0.95
CA SER A 84 -10.92 11.71 1.41
C SER A 84 -11.01 11.86 2.92
N SER A 85 -10.18 12.74 3.45
CA SER A 85 -10.20 13.07 4.87
C SER A 85 -9.46 14.38 5.09
N SER A 86 -9.71 15.02 6.23
CA SER A 86 -9.08 16.30 6.51
C SER A 86 -9.15 16.62 8.00
N GLY A 87 -8.30 17.55 8.45
CA GLY A 87 -8.33 17.96 9.84
C GLY A 87 -7.19 18.87 10.23
N ASP A 88 -6.77 18.77 11.49
CA ASP A 88 -5.64 19.55 11.97
C ASP A 88 -4.52 18.61 12.41
N VAL A 89 -3.49 19.14 13.05
CA VAL A 89 -2.26 18.38 13.23
C VAL A 89 -1.69 18.53 14.63
N TYR A 90 -1.23 17.41 15.17
CA TYR A 90 -0.48 17.38 16.41
C TYR A 90 0.89 16.81 16.10
N THR A 91 1.87 17.12 16.94
CA THR A 91 3.10 16.34 16.93
C THR A 91 3.07 15.46 18.17
N ASP A 92 3.58 14.25 18.04
CA ASP A 92 3.58 13.33 19.16
C ASP A 92 4.59 12.22 18.91
N THR A 93 4.80 11.38 19.91
CA THR A 93 5.69 10.25 19.79
C THR A 93 4.97 9.09 19.11
N VAL A 94 5.61 8.55 18.08
CA VAL A 94 5.04 7.45 17.30
C VAL A 94 6.04 6.31 17.22
N SER A 95 5.59 5.10 17.57
CA SER A 95 6.45 3.94 17.53
C SER A 95 5.83 2.86 16.68
N VAL A 96 6.65 2.24 15.84
CA VAL A 96 6.25 1.12 15.01
C VAL A 96 7.21 -0.03 15.27
N GLY A 97 6.69 -1.11 15.84
CA GLY A 97 7.48 -2.32 16.03
C GLY A 97 8.79 -2.09 16.78
N GLY A 98 8.76 -1.19 17.77
CA GLY A 98 9.94 -0.91 18.57
C GLY A 98 10.78 0.28 18.12
N LEU A 99 10.50 0.80 16.94
CA LEU A 99 11.20 1.97 16.41
C LEU A 99 10.43 3.23 16.75
N THR A 100 11.08 4.19 17.41
CA THR A 100 10.37 5.35 17.93
C THR A 100 10.82 6.64 17.26
N VAL A 101 9.84 7.45 16.86
CA VAL A 101 10.08 8.80 16.34
C VAL A 101 9.40 9.82 17.24
N THR A 102 10.16 10.78 17.76
CA THR A 102 9.57 11.87 18.51
C THR A 102 9.25 13.02 17.55
N GLY A 103 8.21 13.78 17.87
CA GLY A 103 7.85 14.94 17.07
C GLY A 103 7.27 14.61 15.71
N GLN A 104 6.69 13.41 15.58
CA GLN A 104 6.05 13.01 14.35
C GLN A 104 4.75 13.77 14.17
N ALA A 105 4.50 14.27 12.96
CA ALA A 105 3.22 14.89 12.65
C ALA A 105 2.13 13.82 12.61
N VAL A 106 1.19 13.93 13.54
CA VAL A 106 0.03 13.04 13.59
C VAL A 106 -1.18 13.86 13.17
N GLU A 107 -1.71 13.57 11.98
CA GLU A 107 -2.79 14.37 11.42
C GLU A 107 -4.13 13.87 11.92
N SER A 108 -4.79 14.69 12.71
CA SER A 108 -6.04 14.32 13.36
C SER A 108 -7.24 14.61 12.46
N ALA A 109 -8.01 13.57 12.14
CA ALA A 109 -9.15 13.75 11.24
C ALA A 109 -10.30 14.47 11.92
N LYS A 110 -10.76 15.55 11.30
CA LYS A 110 -12.04 16.14 11.69
C LYS A 110 -13.14 15.60 10.81
N LYS A 111 -12.80 15.29 9.55
CA LYS A 111 -13.75 14.77 8.58
C LYS A 111 -13.15 13.58 7.85
N VAL A 112 -13.95 12.54 7.63
CA VAL A 112 -13.56 11.43 6.76
C VAL A 112 -14.72 11.06 5.83
N SER A 113 -14.40 10.55 4.66
CA SER A 113 -15.44 10.14 3.71
C SER A 113 -16.05 8.80 4.12
N SER A 114 -17.18 8.45 3.51
CA SER A 114 -17.93 7.27 3.90
C SER A 114 -17.12 5.98 3.84
N SER A 115 -16.22 5.87 2.88
N SER A 115 -16.21 5.88 2.87
CA SER A 115 -15.42 4.65 2.71
CA SER A 115 -15.41 4.66 2.70
C SER A 115 -14.56 4.37 3.94
C SER A 115 -14.55 4.37 3.93
N PHE A 116 -14.10 5.42 4.60
CA PHE A 116 -13.30 5.25 5.81
C PHE A 116 -14.20 4.89 6.99
N THR A 117 -15.30 5.61 7.13
CA THR A 117 -16.28 5.30 8.18
C THR A 117 -16.70 3.84 8.11
N GLU A 118 -16.97 3.37 6.91
CA GLU A 118 -17.50 2.01 6.70
C GLU A 118 -16.48 0.92 6.94
N ASP A 119 -15.20 1.28 7.01
CA ASP A 119 -14.16 0.30 7.30
C ASP A 119 -13.74 0.36 8.78
N SER A 120 -14.41 -0.43 9.61
CA SER A 120 -14.22 -0.38 11.05
C SER A 120 -12.85 -0.85 11.49
N THR A 121 -12.14 -1.57 10.63
CA THR A 121 -10.85 -2.15 11.02
C THR A 121 -9.65 -1.24 10.77
N ILE A 122 -9.86 -0.14 10.06
CA ILE A 122 -8.75 0.75 9.73
C ILE A 122 -8.89 2.07 10.49
N ASP A 123 -7.95 2.32 11.40
CA ASP A 123 -8.00 3.48 12.29
C ASP A 123 -7.28 4.70 11.72
N GLY A 124 -6.69 4.52 10.54
CA GLY A 124 -5.99 5.62 9.90
C GLY A 124 -5.00 5.08 8.89
N LEU A 125 -4.24 5.99 8.27
CA LEU A 125 -3.20 5.63 7.31
C LEU A 125 -1.84 6.11 7.77
N LEU A 126 -0.80 5.36 7.41
CA LEU A 126 0.57 5.78 7.64
C LEU A 126 1.28 5.82 6.30
N GLY A 127 1.50 7.02 5.79
CA GLY A 127 2.08 7.19 4.46
C GLY A 127 3.56 6.93 4.42
N LEU A 128 4.00 6.26 3.36
CA LEU A 128 5.40 5.87 3.20
C LEU A 128 5.92 6.22 1.80
N ALA A 129 5.19 7.05 1.06
CA ALA A 129 5.74 7.65 -0.16
C ALA A 129 6.64 8.81 0.24
N PHE A 130 7.06 9.61 -0.73
CA PHE A 130 8.02 10.65 -0.42
C PHE A 130 7.33 11.87 0.16
N SER A 131 8.05 12.55 1.07
CA SER A 131 7.42 13.59 1.89
C SER A 131 6.95 14.79 1.05
N THR A 132 7.42 14.90 -0.19
CA THR A 132 6.97 15.92 -1.10
C THR A 132 5.46 15.86 -1.39
N LEU A 133 4.84 14.70 -1.14
CA LEU A 133 3.39 14.56 -1.32
C LEU A 133 2.58 14.89 -0.07
N ASN A 134 3.24 15.18 1.05
CA ASN A 134 2.50 15.42 2.29
C ASN A 134 1.60 16.65 2.18
N THR A 135 0.37 16.56 2.66
CA THR A 135 -0.61 17.62 2.40
C THR A 135 -0.70 18.68 3.49
N VAL A 136 0.11 18.60 4.53
CA VAL A 136 -0.01 19.57 5.63
C VAL A 136 0.38 20.97 5.16
N SER A 137 -0.47 21.94 5.49
CA SER A 137 -0.28 23.33 5.11
C SER A 137 -0.39 24.19 6.37
N PRO A 138 0.41 25.27 6.46
CA PRO A 138 1.32 25.84 5.45
C PRO A 138 2.74 25.25 5.52
N THR A 139 2.98 24.35 6.46
CA THR A 139 4.31 23.78 6.63
C THR A 139 4.23 22.27 6.38
N GLN A 140 4.72 21.85 5.22
CA GLN A 140 4.70 20.44 4.85
C GLN A 140 5.47 19.61 5.89
N GLN A 141 4.95 18.42 6.20
CA GLN A 141 5.52 17.56 7.23
C GLN A 141 6.14 16.30 6.66
N LYS A 142 7.08 15.73 7.40
CA LYS A 142 7.80 14.53 6.96
C LYS A 142 7.08 13.25 7.33
N THR A 143 7.26 12.21 6.51
CA THR A 143 6.72 10.89 6.85
C THR A 143 7.44 10.28 8.03
N PHE A 144 6.83 9.26 8.61
CA PHE A 144 7.48 8.48 9.67
C PHE A 144 8.84 7.94 9.22
N PHE A 145 8.92 7.42 8.00
CA PHE A 145 10.17 6.88 7.47
C PHE A 145 11.24 7.96 7.33
N ASP A 146 10.87 9.10 6.77
N ASP A 146 10.84 9.10 6.75
CA ASP A 146 11.82 10.20 6.63
CA ASP A 146 11.73 10.24 6.60
C ASP A 146 12.36 10.67 7.97
C ASP A 146 12.33 10.66 7.95
N ASN A 147 11.48 10.79 8.96
CA ASN A 147 11.91 11.19 10.30
C ASN A 147 12.83 10.14 10.94
N ALA A 148 12.55 8.87 10.69
CA ALA A 148 13.30 7.79 11.31
C ALA A 148 14.65 7.55 10.63
N LYS A 149 14.74 7.98 9.38
CA LYS A 149 15.80 7.55 8.46
C LYS A 149 17.24 7.66 8.97
N ALA A 150 17.57 8.80 9.56
CA ALA A 150 18.92 9.06 10.02
C ALA A 150 19.31 8.14 11.17
N SER A 151 18.32 7.72 11.94
CA SER A 151 18.56 6.89 13.12
CA SER A 151 18.56 6.89 13.12
C SER A 151 18.62 5.41 12.77
N LEU A 152 18.04 5.04 11.63
CA LEU A 152 18.00 3.63 11.21
C LEU A 152 19.39 3.09 10.90
N ASP A 153 19.60 1.80 11.15
CA ASP A 153 20.87 1.16 10.82
C ASP A 153 21.17 1.33 9.33
N SER A 154 20.13 1.14 8.52
CA SER A 154 20.18 1.36 7.07
CA SER A 154 20.19 1.38 7.08
C SER A 154 18.92 2.13 6.67
N PRO A 155 19.04 3.07 5.73
CA PRO A 155 17.88 3.91 5.37
C PRO A 155 16.89 3.18 4.46
N VAL A 156 16.29 2.11 4.98
CA VAL A 156 15.41 1.24 4.19
C VAL A 156 14.20 0.82 5.02
N PHE A 157 13.11 0.46 4.33
CA PHE A 157 12.10 -0.36 4.96
C PHE A 157 11.68 -1.45 3.96
N THR A 158 11.14 -2.54 4.48
CA THR A 158 10.75 -3.64 3.61
C THR A 158 9.31 -4.04 3.86
N ALA A 159 8.66 -4.50 2.78
CA ALA A 159 7.29 -4.95 2.82
C ALA A 159 7.24 -6.42 2.45
N ASP A 160 6.67 -7.22 3.33
CA ASP A 160 6.58 -8.66 3.14
C ASP A 160 5.14 -9.04 3.44
N LEU A 161 4.28 -8.79 2.47
CA LEU A 161 2.85 -9.00 2.68
C LEU A 161 2.49 -10.46 2.44
N GLY A 162 1.57 -10.96 3.26
CA GLY A 162 1.12 -12.34 3.15
C GLY A 162 -0.08 -12.50 2.25
N TYR A 163 -0.19 -13.67 1.65
CA TYR A 163 -1.40 -14.05 0.94
C TYR A 163 -2.33 -14.77 1.91
N HIS A 164 -3.48 -14.17 2.18
CA HIS A 164 -4.43 -14.68 3.16
C HIS A 164 -3.74 -15.03 4.47
N ALA A 165 -2.79 -14.18 4.89
CA ALA A 165 -1.97 -14.45 6.06
C ALA A 165 -1.26 -13.17 6.47
N PRO A 166 -0.83 -13.09 7.74
CA PRO A 166 -0.05 -11.95 8.19
C PRO A 166 1.29 -11.87 7.50
N GLY A 167 1.89 -10.68 7.54
CA GLY A 167 3.21 -10.47 7.00
C GLY A 167 3.95 -9.49 7.89
N THR A 168 4.96 -8.82 7.32
CA THR A 168 5.89 -8.02 8.11
C THR A 168 6.34 -6.75 7.41
N TYR A 169 6.33 -5.64 8.16
CA TYR A 169 7.04 -4.42 7.78
C TYR A 169 8.26 -4.27 8.66
N ASN A 170 9.45 -4.23 8.05
CA ASN A 170 10.68 -3.98 8.78
C ASN A 170 11.24 -2.61 8.44
N PHE A 171 11.85 -1.96 9.43
CA PHE A 171 12.50 -0.69 9.23
C PHE A 171 13.97 -0.76 9.62
N GLY A 172 14.84 -0.33 8.72
CA GLY A 172 16.25 -0.18 9.03
C GLY A 172 17.14 -1.39 8.81
N PHE A 173 16.55 -2.51 8.34
CA PHE A 173 17.35 -3.70 8.05
C PHE A 173 16.66 -4.59 7.05
N ILE A 174 17.44 -5.43 6.39
CA ILE A 174 16.92 -6.41 5.45
C ILE A 174 17.07 -7.81 6.05
N ASP A 175 15.94 -8.46 6.29
CA ASP A 175 15.92 -9.82 6.86
C ASP A 175 16.25 -10.84 5.78
N THR A 176 17.48 -11.33 5.78
CA THR A 176 17.94 -12.20 4.70
C THR A 176 17.35 -13.60 4.79
N THR A 177 16.58 -13.87 5.84
CA THR A 177 15.89 -15.16 5.96
C THR A 177 14.47 -15.09 5.38
N ALA A 178 14.05 -13.90 4.97
CA ALA A 178 12.65 -13.69 4.61
C ALA A 178 12.36 -13.89 3.12
N TYR A 179 13.40 -14.16 2.33
CA TYR A 179 13.20 -14.33 0.90
C TYR A 179 14.10 -15.43 0.36
N THR A 180 13.80 -15.89 -0.86
CA THR A 180 14.62 -16.88 -1.54
C THR A 180 15.43 -16.21 -2.63
N GLY A 181 16.54 -16.84 -3.03
CA GLY A 181 17.37 -16.30 -4.08
C GLY A 181 17.95 -14.93 -3.74
N SER A 182 18.09 -14.09 -4.76
CA SER A 182 18.65 -12.76 -4.56
CA SER A 182 18.66 -12.75 -4.60
C SER A 182 17.60 -11.67 -4.74
N ILE A 183 17.90 -10.49 -4.21
CA ILE A 183 17.06 -9.31 -4.39
C ILE A 183 17.54 -8.58 -5.63
N THR A 184 16.64 -8.32 -6.58
CA THR A 184 17.01 -7.54 -7.75
C THR A 184 16.56 -6.09 -7.56
N TYR A 185 17.52 -5.17 -7.63
CA TYR A 185 17.24 -3.77 -7.43
C TYR A 185 17.02 -3.05 -8.75
N THR A 186 16.11 -2.08 -8.74
CA THR A 186 15.72 -1.38 -9.95
C THR A 186 15.57 0.12 -9.64
N ALA A 187 15.83 0.96 -10.65
CA ALA A 187 15.82 2.40 -10.44
C ALA A 187 14.44 2.95 -10.08
N VAL A 188 14.46 4.01 -9.26
CA VAL A 188 13.24 4.70 -8.86
C VAL A 188 13.26 6.15 -9.33
N SER A 189 12.12 6.62 -9.85
CA SER A 189 11.91 8.04 -10.08
C SER A 189 11.05 8.62 -8.97
N THR A 190 11.53 9.69 -8.35
CA THR A 190 10.77 10.36 -7.29
C THR A 190 10.06 11.61 -7.81
N LYS A 191 10.07 11.79 -9.13
CA LYS A 191 9.53 13.01 -9.75
C LYS A 191 8.06 13.26 -9.43
N GLN A 192 7.28 12.20 -9.23
CA GLN A 192 5.86 12.36 -8.87
C GLN A 192 5.61 12.06 -7.38
N GLY A 193 6.69 11.86 -6.63
CA GLY A 193 6.58 11.64 -5.20
C GLY A 193 6.32 10.21 -4.82
N PHE A 194 6.29 9.31 -5.82
CA PHE A 194 5.99 7.91 -5.58
C PHE A 194 7.23 7.03 -5.67
N TRP A 195 7.10 5.79 -5.24
CA TRP A 195 8.09 4.77 -5.51
C TRP A 195 7.83 4.25 -6.93
N GLU A 196 8.24 5.05 -7.91
CA GLU A 196 7.92 4.81 -9.30
C GLU A 196 9.07 4.10 -9.99
N TRP A 197 8.78 3.01 -10.69
CA TRP A 197 9.82 2.20 -11.31
C TRP A 197 9.32 1.65 -12.64
N THR A 198 10.18 0.95 -13.37
CA THR A 198 9.80 0.44 -14.69
C THR A 198 10.02 -1.07 -14.77
N SER A 199 8.92 -1.81 -14.83
CA SER A 199 8.98 -3.24 -15.01
C SER A 199 9.42 -3.56 -16.42
N THR A 200 10.11 -4.70 -16.58
CA THR A 200 10.70 -5.04 -17.87
C THR A 200 9.78 -5.91 -18.74
N GLY A 201 8.61 -6.26 -18.22
CA GLY A 201 7.66 -6.98 -19.03
C GLY A 201 6.80 -7.94 -18.25
N TYR A 202 6.16 -8.87 -18.96
CA TYR A 202 5.23 -9.77 -18.30
C TYR A 202 5.03 -11.09 -19.04
N ALA A 203 4.52 -12.08 -18.33
CA ALA A 203 4.03 -13.30 -18.95
C ALA A 203 2.68 -13.69 -18.35
N VAL A 204 1.86 -14.39 -19.13
CA VAL A 204 0.58 -14.91 -18.62
C VAL A 204 0.68 -16.43 -18.53
N GLY A 205 0.51 -16.97 -17.33
CA GLY A 205 0.61 -18.40 -17.12
C GLY A 205 1.96 -18.94 -17.59
N SER A 206 1.94 -20.03 -18.36
CA SER A 206 3.19 -20.63 -18.83
C SER A 206 3.63 -20.05 -20.17
N GLY A 207 3.02 -18.93 -20.57
CA GLY A 207 3.31 -18.31 -21.85
C GLY A 207 4.66 -17.63 -21.91
N THR A 208 5.06 -17.24 -23.11
CA THR A 208 6.35 -16.60 -23.32
C THR A 208 6.37 -15.21 -22.71
N PHE A 209 7.54 -14.81 -22.21
CA PHE A 209 7.69 -13.50 -21.60
C PHE A 209 7.72 -12.42 -22.67
N LYS A 210 6.91 -11.39 -22.48
CA LYS A 210 6.87 -10.23 -23.35
C LYS A 210 7.72 -9.11 -22.77
N SER A 211 8.83 -8.79 -23.46
CA SER A 211 9.69 -7.69 -23.02
C SER A 211 9.06 -6.37 -23.43
N THR A 212 8.70 -5.56 -22.43
CA THR A 212 8.08 -4.27 -22.68
C THR A 212 8.18 -3.47 -21.39
N SER A 213 8.49 -2.18 -21.53
CA SER A 213 8.62 -1.32 -20.36
C SER A 213 7.25 -0.90 -19.81
N ILE A 214 7.02 -1.17 -18.54
CA ILE A 214 5.79 -0.77 -17.86
C ILE A 214 6.11 0.10 -16.66
N ASP A 215 5.91 1.41 -16.81
CA ASP A 215 6.14 2.36 -15.72
CA ASP A 215 6.15 2.35 -15.72
C ASP A 215 5.00 2.27 -14.72
N GLY A 216 5.33 2.13 -13.44
CA GLY A 216 4.30 2.06 -12.43
C GLY A 216 4.80 2.35 -11.03
N ILE A 217 3.90 2.34 -10.06
CA ILE A 217 4.30 2.63 -8.69
C ILE A 217 4.08 1.43 -7.78
N ALA A 218 4.96 1.29 -6.80
CA ALA A 218 4.81 0.26 -5.79
C ALA A 218 3.97 0.84 -4.67
N ASP A 219 2.73 0.37 -4.56
CA ASP A 219 1.75 0.99 -3.65
C ASP A 219 1.08 -0.05 -2.74
N THR A 220 1.55 -0.13 -1.50
CA THR A 220 0.99 -1.10 -0.54
C THR A 220 -0.46 -0.75 -0.18
N GLY A 221 -0.86 0.49 -0.43
CA GLY A 221 -2.20 0.94 -0.07
C GLY A 221 -3.25 0.67 -1.14
N THR A 222 -2.82 0.14 -2.28
CA THR A 222 -3.75 -0.25 -3.34
C THR A 222 -3.89 -1.76 -3.33
N THR A 223 -5.12 -2.25 -3.37
CA THR A 223 -5.40 -3.68 -3.26
C THR A 223 -4.96 -4.49 -4.46
N LEU A 224 -5.28 -3.98 -5.65
CA LEU A 224 -5.13 -4.76 -6.86
C LEU A 224 -3.93 -4.36 -7.71
N LEU A 225 -3.77 -5.06 -8.82
CA LEU A 225 -2.71 -4.79 -9.79
C LEU A 225 -3.35 -4.10 -10.99
N TYR A 226 -2.96 -2.84 -11.25
CA TYR A 226 -3.51 -2.05 -12.35
C TYR A 226 -2.47 -1.85 -13.44
N LEU A 227 -2.77 -2.36 -14.63
N LEU A 227 -2.76 -2.39 -14.63
CA LEU A 227 -1.79 -2.41 -15.73
CA LEU A 227 -1.81 -2.44 -15.73
C LEU A 227 -2.45 -1.92 -17.02
C LEU A 227 -2.45 -1.90 -17.01
N PRO A 228 -1.64 -1.66 -18.07
CA PRO A 228 -2.24 -1.16 -19.32
C PRO A 228 -3.28 -2.13 -19.90
N ALA A 229 -4.29 -1.58 -20.59
CA ALA A 229 -5.40 -2.38 -21.07
C ALA A 229 -4.96 -3.53 -21.99
N THR A 230 -3.90 -3.31 -22.75
CA THR A 230 -3.34 -4.37 -23.59
C THR A 230 -2.91 -5.58 -22.77
N VAL A 231 -2.16 -5.31 -21.70
CA VAL A 231 -1.66 -6.35 -20.81
C VAL A 231 -2.82 -7.07 -20.12
N VAL A 232 -3.77 -6.30 -19.61
CA VAL A 232 -4.88 -6.87 -18.86
C VAL A 232 -5.79 -7.72 -19.76
N SER A 233 -6.02 -7.26 -20.98
CA SER A 233 -6.77 -8.04 -21.96
C SER A 233 -6.06 -9.35 -22.27
N ALA A 234 -4.73 -9.30 -22.44
CA ALA A 234 -4.00 -10.54 -22.72
C ALA A 234 -4.14 -11.55 -21.57
N TYR A 235 -4.18 -11.05 -20.33
CA TYR A 235 -4.33 -11.94 -19.19
C TYR A 235 -5.72 -12.58 -19.20
N TRP A 236 -6.77 -11.76 -19.24
CA TRP A 236 -8.11 -12.30 -19.06
C TRP A 236 -8.58 -13.11 -20.26
N ALA A 237 -7.95 -12.92 -21.41
CA ALA A 237 -8.23 -13.74 -22.58
C ALA A 237 -7.90 -15.21 -22.34
N GLN A 238 -7.09 -15.49 -21.32
CA GLN A 238 -6.74 -16.88 -21.01
C GLN A 238 -7.69 -17.51 -19.98
N VAL A 239 -8.74 -16.78 -19.61
CA VAL A 239 -9.72 -17.29 -18.67
C VAL A 239 -11.08 -17.38 -19.35
N SER A 240 -11.56 -18.60 -19.56
CA SER A 240 -12.81 -18.81 -20.27
CA SER A 240 -12.81 -18.82 -20.27
C SER A 240 -13.97 -18.11 -19.58
N GLY A 241 -14.66 -17.25 -20.33
CA GLY A 241 -15.81 -16.56 -19.80
C GLY A 241 -15.53 -15.24 -19.08
N ALA A 242 -14.26 -14.89 -18.96
CA ALA A 242 -13.89 -13.62 -18.34
C ALA A 242 -14.27 -12.45 -19.27
N LYS A 243 -14.68 -11.34 -18.69
CA LYS A 243 -15.05 -10.19 -19.48
C LYS A 243 -14.99 -8.93 -18.65
N SER A 244 -14.86 -7.79 -19.30
CA SER A 244 -14.93 -6.51 -18.60
C SER A 244 -16.37 -6.06 -18.49
N SER A 245 -16.82 -5.83 -17.27
CA SER A 245 -18.19 -5.42 -17.01
C SER A 245 -18.21 -3.96 -16.56
N SER A 246 -18.88 -3.12 -17.33
CA SER A 246 -19.00 -1.71 -16.96
C SER A 246 -19.82 -1.56 -15.68
N SER A 247 -20.87 -2.36 -15.56
CA SER A 247 -21.74 -2.27 -14.40
C SER A 247 -21.03 -2.65 -13.10
N VAL A 248 -20.09 -3.58 -13.19
CA VAL A 248 -19.32 -3.98 -12.02
C VAL A 248 -18.10 -3.08 -11.81
N GLY A 249 -17.52 -2.60 -12.91
CA GLY A 249 -16.39 -1.70 -12.83
C GLY A 249 -15.06 -2.39 -13.06
N GLY A 250 -15.06 -3.43 -13.87
CA GLY A 250 -13.82 -4.10 -14.23
C GLY A 250 -14.03 -5.51 -14.72
N TYR A 251 -12.93 -6.24 -14.86
CA TYR A 251 -12.97 -7.62 -15.29
C TYR A 251 -13.54 -8.53 -14.21
N VAL A 252 -14.47 -9.37 -14.62
CA VAL A 252 -15.04 -10.42 -13.80
C VAL A 252 -14.82 -11.74 -14.50
N PHE A 253 -14.89 -12.83 -13.76
CA PHE A 253 -14.68 -14.14 -14.35
C PHE A 253 -15.56 -15.17 -13.64
N PRO A 254 -15.84 -16.29 -14.30
CA PRO A 254 -16.66 -17.31 -13.65
C PRO A 254 -15.94 -17.85 -12.41
N CYS A 255 -16.64 -17.93 -11.28
CA CYS A 255 -16.00 -18.42 -10.06
C CYS A 255 -15.52 -19.87 -10.20
N SER A 256 -16.03 -20.59 -11.20
CA SER A 256 -15.60 -21.97 -11.44
C SER A 256 -14.23 -22.07 -12.15
N ALA A 257 -13.67 -20.93 -12.56
CA ALA A 257 -12.43 -20.95 -13.33
C ALA A 257 -11.20 -21.23 -12.47
N THR A 258 -10.16 -21.75 -13.12
CA THR A 258 -8.85 -21.82 -12.52
C THR A 258 -7.99 -20.72 -13.15
N LEU A 259 -7.54 -19.76 -12.35
CA LEU A 259 -6.80 -18.62 -12.89
C LEU A 259 -5.34 -18.95 -13.17
N PRO A 260 -4.82 -18.46 -14.30
CA PRO A 260 -3.40 -18.61 -14.60
C PRO A 260 -2.55 -17.65 -13.76
N SER A 261 -1.28 -17.97 -13.59
CA SER A 261 -0.38 -17.06 -12.91
C SER A 261 -0.11 -15.84 -13.78
N PHE A 262 0.49 -14.83 -13.17
CA PHE A 262 0.95 -13.66 -13.89
C PHE A 262 2.36 -13.32 -13.44
N THR A 263 3.26 -13.20 -14.40
CA THR A 263 4.66 -12.90 -14.10
C THR A 263 4.99 -11.46 -14.48
N PHE A 264 5.68 -10.73 -13.62
CA PHE A 264 6.18 -9.43 -14.04
C PHE A 264 7.69 -9.36 -13.90
N GLY A 265 8.33 -8.58 -14.77
CA GLY A 265 9.78 -8.48 -14.81
C GLY A 265 10.34 -7.39 -13.91
N VAL A 266 11.43 -7.72 -13.23
CA VAL A 266 12.21 -6.74 -12.47
C VAL A 266 13.64 -6.89 -12.98
N GLY A 267 14.06 -5.99 -13.86
CA GLY A 267 15.31 -6.20 -14.57
C GLY A 267 15.24 -7.55 -15.26
N SER A 268 16.28 -8.36 -15.09
CA SER A 268 16.31 -9.69 -15.69
C SER A 268 15.61 -10.73 -14.81
N ALA A 269 15.15 -10.29 -13.64
CA ALA A 269 14.47 -11.20 -12.71
C ALA A 269 12.98 -11.28 -12.98
N ARG A 270 12.33 -12.27 -12.38
CA ARG A 270 10.90 -12.49 -12.62
C ARG A 270 10.18 -12.76 -11.30
N ILE A 271 9.06 -12.06 -11.09
CA ILE A 271 8.22 -12.33 -9.93
C ILE A 271 6.93 -12.98 -10.42
N VAL A 272 6.61 -14.15 -9.88
CA VAL A 272 5.42 -14.88 -10.30
C VAL A 272 4.28 -14.73 -9.29
N ILE A 273 3.17 -14.18 -9.76
CA ILE A 273 1.96 -14.06 -8.96
C ILE A 273 1.09 -15.29 -9.21
N PRO A 274 0.89 -16.15 -8.19
CA PRO A 274 0.04 -17.33 -8.42
C PRO A 274 -1.37 -16.93 -8.79
N GLY A 275 -2.04 -17.75 -9.60
CA GLY A 275 -3.39 -17.45 -10.00
C GLY A 275 -4.36 -17.19 -8.86
N ASP A 276 -4.25 -17.90 -7.75
CA ASP A 276 -5.16 -17.72 -6.61
CA ASP A 276 -5.24 -17.68 -6.70
C ASP A 276 -5.10 -16.30 -6.05
N TYR A 277 -3.95 -15.65 -6.19
CA TYR A 277 -3.78 -14.28 -5.69
C TYR A 277 -4.67 -13.29 -6.44
N ILE A 278 -5.12 -13.69 -7.62
CA ILE A 278 -5.82 -12.81 -8.53
C ILE A 278 -7.35 -12.97 -8.38
N ASP A 279 -7.75 -13.87 -7.49
CA ASP A 279 -9.17 -14.10 -7.21
C ASP A 279 -9.68 -13.23 -6.04
N PHE A 280 -10.62 -12.32 -6.31
CA PHE A 280 -11.18 -11.51 -5.22
C PHE A 280 -12.64 -11.81 -4.95
N GLY A 281 -13.06 -13.00 -5.38
CA GLY A 281 -14.30 -13.59 -4.93
C GLY A 281 -15.55 -13.05 -5.58
N PRO A 282 -16.69 -13.59 -5.17
CA PRO A 282 -17.99 -13.21 -5.74
C PRO A 282 -18.22 -11.70 -5.67
N ILE A 283 -18.76 -11.13 -6.74
CA ILE A 283 -18.96 -9.68 -6.80
C ILE A 283 -19.97 -9.24 -5.74
N SER A 284 -20.87 -10.16 -5.40
CA SER A 284 -21.86 -10.01 -4.34
C SER A 284 -22.10 -11.38 -3.72
N THR A 285 -22.55 -11.42 -2.47
CA THR A 285 -22.72 -12.70 -1.79
C THR A 285 -23.57 -13.66 -2.61
N GLY A 286 -23.06 -14.86 -2.81
CA GLY A 286 -23.78 -15.90 -3.53
C GLY A 286 -23.64 -15.85 -5.04
N SER A 287 -22.97 -14.85 -5.57
CA SER A 287 -22.83 -14.72 -7.02
C SER A 287 -21.80 -15.71 -7.55
N SER A 288 -22.02 -16.18 -8.77
CA SER A 288 -21.03 -17.02 -9.44
C SER A 288 -20.10 -16.23 -10.34
N SER A 289 -20.22 -14.90 -10.28
CA SER A 289 -19.28 -14.02 -10.97
CA SER A 289 -19.29 -14.00 -10.97
C SER A 289 -18.28 -13.50 -9.94
N CYS A 290 -16.99 -13.68 -10.23
CA CYS A 290 -15.93 -13.29 -9.31
C CYS A 290 -15.16 -12.08 -9.84
N PHE A 291 -14.63 -11.27 -8.94
CA PHE A 291 -13.91 -10.07 -9.35
C PHE A 291 -12.43 -10.34 -9.53
N GLY A 292 -11.86 -9.86 -10.63
CA GLY A 292 -10.46 -10.08 -10.94
C GLY A 292 -9.48 -9.17 -10.20
N GLY A 293 -8.30 -9.71 -9.89
CA GLY A 293 -7.29 -8.96 -9.15
C GLY A 293 -6.33 -8.19 -10.03
N ILE A 294 -6.48 -8.36 -11.33
CA ILE A 294 -5.72 -7.60 -12.32
C ILE A 294 -6.71 -6.78 -13.13
N GLN A 295 -6.51 -5.47 -13.14
CA GLN A 295 -7.48 -4.57 -13.76
C GLN A 295 -6.76 -3.53 -14.60
N SER A 296 -7.50 -2.89 -15.51
CA SER A 296 -6.93 -1.87 -16.37
C SER A 296 -6.64 -0.57 -15.61
N SER A 297 -5.47 0.01 -15.90
CA SER A 297 -5.09 1.31 -15.36
C SER A 297 -5.55 2.48 -16.22
N ALA A 298 -6.26 2.19 -17.31
N ALA A 298 -6.23 2.18 -17.33
CA ALA A 298 -6.56 3.21 -18.32
CA ALA A 298 -6.77 3.23 -18.18
C ALA A 298 -7.24 4.47 -17.77
C ALA A 298 -7.77 4.05 -17.39
N GLY A 299 -8.06 4.31 -16.73
N GLY A 299 -7.56 5.36 -17.35
CA GLY A 299 -8.78 5.43 -16.18
CA GLY A 299 -8.41 6.22 -16.56
C GLY A 299 -8.15 6.05 -14.94
C GLY A 299 -7.73 6.64 -15.27
N ILE A 300 -6.87 5.77 -14.73
CA ILE A 300 -6.16 6.19 -13.52
CA ILE A 300 -6.13 6.14 -13.52
C ILE A 300 -5.01 7.14 -13.86
N GLY A 301 -4.36 6.90 -14.98
CA GLY A 301 -3.28 7.76 -15.42
C GLY A 301 -1.91 7.21 -15.04
N ILE A 302 -1.91 6.10 -14.31
N ILE A 302 -1.91 6.12 -14.29
CA ILE A 302 -0.66 5.51 -13.87
CA ILE A 302 -0.67 5.50 -13.84
C ILE A 302 -0.86 4.03 -13.56
C ILE A 302 -0.90 4.01 -13.63
N ASN A 303 0.16 3.22 -13.83
CA ASN A 303 0.08 1.80 -13.51
C ASN A 303 0.40 1.61 -12.03
N ILE A 304 -0.27 0.68 -11.38
CA ILE A 304 -0.09 0.52 -9.93
C ILE A 304 0.17 -0.93 -9.58
N PHE A 305 1.38 -1.19 -9.09
CA PHE A 305 1.71 -2.48 -8.52
C PHE A 305 1.24 -2.50 -7.07
N GLY A 306 -0.02 -2.88 -6.89
CA GLY A 306 -0.64 -2.94 -5.58
C GLY A 306 -0.39 -4.27 -4.91
N ASP A 307 -1.16 -4.57 -3.87
CA ASP A 307 -0.89 -5.72 -3.02
C ASP A 307 -0.86 -7.04 -3.79
N VAL A 308 -1.72 -7.19 -4.79
CA VAL A 308 -1.74 -8.41 -5.58
C VAL A 308 -0.35 -8.74 -6.12
N ALA A 309 0.36 -7.72 -6.58
CA ALA A 309 1.73 -7.90 -7.04
C ALA A 309 2.72 -7.97 -5.89
N LEU A 310 2.63 -7.01 -4.98
CA LEU A 310 3.63 -6.89 -3.93
C LEU A 310 3.66 -8.10 -2.98
N LYS A 311 2.51 -8.71 -2.71
CA LYS A 311 2.52 -9.82 -1.75
CA LYS A 311 2.46 -9.84 -1.77
C LYS A 311 3.14 -11.09 -2.35
N ALA A 312 3.41 -11.06 -3.65
CA ALA A 312 4.11 -12.17 -4.29
C ALA A 312 5.63 -12.04 -4.10
N ALA A 313 6.08 -10.94 -3.49
CA ALA A 313 7.51 -10.66 -3.37
C ALA A 313 7.90 -10.17 -1.99
N PHE A 314 9.20 -10.24 -1.72
CA PHE A 314 9.83 -9.50 -0.65
C PHE A 314 10.31 -8.19 -1.27
N VAL A 315 9.82 -7.05 -0.76
CA VAL A 315 10.07 -5.79 -1.42
C VAL A 315 10.85 -4.82 -0.54
N VAL A 316 11.97 -4.34 -1.07
CA VAL A 316 12.83 -3.39 -0.37
C VAL A 316 12.61 -1.98 -0.88
N PHE A 317 12.22 -1.09 0.03
CA PHE A 317 12.10 0.32 -0.29
C PHE A 317 13.37 1.00 0.22
N ASN A 318 14.31 1.22 -0.70
CA ASN A 318 15.61 1.75 -0.34
C ASN A 318 15.63 3.26 -0.42
N GLY A 319 15.70 3.91 0.74
CA GLY A 319 15.63 5.36 0.84
C GLY A 319 17.00 6.02 0.92
N ALA A 320 17.98 5.42 0.27
CA ALA A 320 19.29 6.06 0.10
C ALA A 320 19.13 7.37 -0.67
N THR A 321 20.22 8.15 -0.73
CA THR A 321 20.22 9.44 -1.42
C THR A 321 19.63 9.32 -2.83
N THR A 322 20.03 8.26 -3.53
CA THR A 322 19.35 7.86 -4.75
C THR A 322 18.52 6.62 -4.45
N PRO A 323 17.21 6.79 -4.26
CA PRO A 323 16.36 5.66 -3.88
CA PRO A 323 16.36 5.66 -3.88
C PRO A 323 16.25 4.60 -4.97
N THR A 324 16.08 3.36 -4.54
CA THR A 324 15.84 2.24 -5.45
C THR A 324 14.80 1.32 -4.83
N LEU A 325 14.32 0.37 -5.63
CA LEU A 325 13.39 -0.65 -5.17
CA LEU A 325 13.38 -0.64 -5.18
C LEU A 325 14.00 -2.02 -5.41
N GLY A 326 13.85 -2.92 -4.44
CA GLY A 326 14.34 -4.27 -4.59
C GLY A 326 13.20 -5.27 -4.52
N PHE A 327 13.25 -6.29 -5.38
CA PHE A 327 12.27 -7.38 -5.36
C PHE A 327 12.97 -8.73 -5.28
N ALA A 328 12.49 -9.58 -4.39
CA ALA A 328 12.94 -10.97 -4.35
C ALA A 328 11.73 -11.89 -4.30
N SER A 329 11.87 -13.10 -4.83
CA SER A 329 10.87 -14.13 -4.62
C SER A 329 10.95 -14.61 -3.18
N LYS A 330 9.93 -15.31 -2.71
CA LYS A 330 9.92 -15.74 -1.33
C LYS A 330 9.08 -16.99 -1.15
C1 GOL B . 4.50 -17.01 -4.27
O1 GOL B . 4.81 -18.38 -4.45
C2 GOL B . 5.48 -16.18 -5.09
O2 GOL B . 5.69 -16.78 -6.35
C3 GOL B . 6.80 -16.08 -4.32
O3 GOL B . 7.69 -15.20 -4.94
C1 GOL C . -4.19 -16.09 13.00
O1 GOL C . -3.15 -17.00 12.76
C2 GOL C . -3.72 -14.72 12.55
O2 GOL C . -2.73 -14.24 13.43
C3 GOL C . -4.89 -13.76 12.54
O3 GOL C . -4.39 -12.45 12.40
C1 GOL D . 1.69 -14.49 -22.57
O1 GOL D . 2.84 -14.82 -21.82
C2 GOL D . 1.65 -12.98 -22.81
O2 GOL D . 0.71 -12.69 -23.83
C3 GOL D . 3.02 -12.46 -23.23
O3 GOL D . 3.34 -12.94 -24.52
C ACT E . -14.12 -17.65 -5.06
O ACT E . -13.55 -18.05 -6.09
OXT ACT E . -15.34 -17.92 -4.98
CH3 ACT E . -13.40 -16.91 -3.98
C4 D6S F . -10.82 3.21 2.09
C5 D6S F . -10.77 2.84 3.41
C6 D6S F . -9.55 2.54 3.99
N1 D6S F . -2.60 4.69 -2.10
C7 D6S F . -8.39 2.62 3.24
C8 D6S F . -6.22 3.98 -1.07
C9 D6S F . -4.75 4.52 -0.87
C10 D6S F . -3.99 4.12 -2.14
C11 D6S F . -4.74 4.68 -3.34
C12 D6S F . -5.59 3.64 -4.06
C13 D6S F . -6.73 4.66 -2.38
O2 D6S F . -4.19 3.83 0.25
O1 D6S F . -5.76 5.59 -2.85
O D6S F . -6.86 3.71 -3.41
N D6S F . -7.16 4.20 0.12
C D6S F . -6.96 5.50 0.83
C1 D6S F . -7.17 3.06 1.09
C2 D6S F . -8.44 2.98 1.91
C3 D6S F . -9.65 3.28 1.34
#